data_3AMT
#
_entry.id   3AMT
#
_cell.length_a   131.105
_cell.length_b   131.105
_cell.length_c   86.624
_cell.angle_alpha   90.00
_cell.angle_beta   90.00
_cell.angle_gamma   120.00
#
_symmetry.space_group_name_H-M   'P 32 2 1'
#
loop_
_entity.id
_entity.type
_entity.pdbx_description
1 polymer 'Putative uncharacterized protein'
2 polymer 'RNA (78-MER)'
3 non-polymer "ADENOSINE-5'-TRIPHOSPHATE"
#
loop_
_entity_poly.entity_id
_entity_poly.type
_entity_poly.pdbx_seq_one_letter_code
_entity_poly.pdbx_strand_id
1 'polypeptide(L)'
;(MSE)GSSHHHHHHSSGLVPRGSH(MSE)RVWVGIDDTDSSRG(MSE)C(TPO)TYLAVLA(MSE)ERVERELGKVIGFP
RLIRLNPTIPYKTRGNGAVSFLVEVDDVGELVDVVNEVIIEHA(MSE)LDDEKTNPGAVFVDEELAVKLKPFADKAIKDV
LQIDEALFVIGKYFIPHLRHKKGRGLIGALAAVGAELEDFTLELIAYRYPERFGTEREYDEESFFD(MSE)DYELYPQTF
DNVDWCNDVVVCIPNTPCPVLYGIRGESVEALYKA(MSE)ESVKTEPVDRR(MSE)IFVTNHATD(MSE)HLIGEEEVHR
LENYRSYRLRGRVTLEPYDIEGGHVFFEIDTKFGSVKCAAFEPTKQFRNVIRLLRKGDVVEVYGS(MSE)KKDTINLEKI
QIVELAEIWVEKNPICPSCGRR(MSE)ESAGRGQGFRCKKCRTKADEKLREKVERELQPGFYEVPPSARRHLSKPLIR
(MSE)NVEGRHIFR
;
A
2 'polyribonucleotide' GGGCCCGUAGCUUAGCCAGGUCAGAGCGCCCGGCUCAUAACCGGGCGGUCGAGGGUUCGAAUCCCUCCGGGCCCACCA B
#
# COMPACT_ATOMS: atom_id res chain seq x y z
N HIS A 20 -39.21 3.39 -4.75
CA HIS A 20 -37.84 3.27 -4.17
C HIS A 20 -36.90 2.34 -4.94
N ARG A 22 -32.47 0.87 -5.13
CA ARG A 22 -31.15 0.73 -4.55
C ARG A 22 -30.09 1.04 -5.59
N VAL A 23 -29.41 2.17 -5.44
CA VAL A 23 -28.38 2.56 -6.38
C VAL A 23 -27.01 2.87 -5.74
N TRP A 24 -25.98 2.27 -6.30
CA TRP A 24 -24.61 2.48 -5.83
C TRP A 24 -24.01 3.74 -6.41
N VAL A 25 -23.65 4.69 -5.56
CA VAL A 25 -23.05 5.91 -6.08
C VAL A 25 -21.53 5.72 -5.99
N GLY A 26 -20.83 6.05 -7.07
CA GLY A 26 -19.38 5.90 -7.08
C GLY A 26 -18.73 7.18 -7.54
N ILE A 27 -17.67 7.61 -6.86
CA ILE A 27 -16.97 8.86 -7.20
C ILE A 27 -15.45 8.77 -7.15
N ASP A 28 -14.77 9.52 -8.02
CA ASP A 28 -13.30 9.57 -8.01
C ASP A 28 -12.69 10.74 -8.78
N ASP A 29 -11.42 11.00 -8.46
CA ASP A 29 -10.63 12.10 -9.01
C ASP A 29 -11.43 13.39 -8.95
N THR A 30 -11.32 14.06 -7.80
CA THR A 30 -12.08 15.27 -7.56
C THR A 30 -11.25 16.25 -6.69
N ASP A 31 -10.19 15.71 -6.13
CA ASP A 31 -9.28 16.46 -5.25
C ASP A 31 -8.27 17.29 -6.03
N SER A 32 -7.37 17.94 -5.28
CA SER A 32 -6.34 18.76 -5.87
C SER A 32 -5.08 18.74 -5.04
N SER A 33 -3.98 19.11 -5.70
CA SER A 33 -2.68 19.18 -5.06
C SER A 33 -2.85 20.06 -3.83
N ARG A 34 -3.54 21.18 -4.03
CA ARG A 34 -3.80 22.16 -2.99
C ARG A 34 -5.23 22.03 -2.48
N GLY A 35 -6.04 21.30 -3.23
CA GLY A 35 -7.44 21.10 -2.91
C GLY A 35 -7.78 20.25 -1.72
N CYS A 37 -10.23 16.64 -0.14
CA CYS A 37 -10.26 15.21 -0.29
C CYS A 37 -11.53 14.75 -1.01
N THR A 39 -12.98 11.72 -0.34
CA THR A 39 -13.91 11.09 0.61
C THR A 39 -14.77 12.19 1.21
N TYR A 40 -14.19 13.38 1.37
CA TYR A 40 -14.93 14.50 1.94
C TYR A 40 -16.10 14.93 1.08
N LEU A 41 -15.87 15.00 -0.22
CA LEU A 41 -16.93 15.41 -1.15
C LEU A 41 -18.04 14.36 -1.20
N ALA A 42 -17.67 13.10 -0.98
CA ALA A 42 -18.64 12.02 -0.98
C ALA A 42 -19.49 12.11 0.29
N VAL A 43 -18.90 12.65 1.35
CA VAL A 43 -19.62 12.81 2.61
C VAL A 43 -20.61 13.96 2.47
N LEU A 44 -20.20 15.02 1.78
CA LEU A 44 -21.08 16.18 1.58
C LEU A 44 -22.28 15.79 0.72
N ALA A 45 -22.02 14.97 -0.29
CA ALA A 45 -23.09 14.50 -1.17
C ALA A 45 -24.00 13.61 -0.34
N GLU A 47 -24.74 13.64 2.84
CA GLU A 47 -25.61 14.45 3.69
C GLU A 47 -26.82 14.93 2.91
N ARG A 48 -26.55 15.50 1.73
CA ARG A 48 -27.63 15.99 0.88
C ARG A 48 -28.55 14.88 0.47
N VAL A 49 -28.00 13.70 0.21
CA VAL A 49 -28.87 12.60 -0.17
C VAL A 49 -29.72 12.21 1.05
N GLU A 50 -29.06 12.03 2.18
CA GLU A 50 -29.75 11.65 3.41
C GLU A 50 -30.95 12.51 3.78
N ARG A 51 -30.79 13.84 3.76
CA ARG A 51 -31.90 14.70 4.14
C ARG A 51 -32.80 15.21 3.03
N GLU A 52 -32.31 15.22 1.80
CA GLU A 52 -33.10 15.73 0.68
C GLU A 52 -33.69 14.70 -0.29
N LEU A 53 -33.13 13.49 -0.31
CA LEU A 53 -33.61 12.47 -1.27
C LEU A 53 -34.04 11.12 -0.70
N GLY A 54 -33.46 10.72 0.42
CA GLY A 54 -33.83 9.42 0.98
C GLY A 54 -32.86 8.97 2.05
N LYS A 55 -32.30 7.77 1.88
CA LYS A 55 -31.35 7.23 2.85
C LYS A 55 -30.07 6.64 2.26
N VAL A 56 -29.03 6.62 3.08
CA VAL A 56 -27.73 6.07 2.71
C VAL A 56 -27.54 4.78 3.50
N ILE A 57 -27.46 3.66 2.79
CA ILE A 57 -27.35 2.34 3.40
C ILE A 57 -25.95 1.88 3.85
N GLY A 58 -25.81 1.71 5.17
CA GLY A 58 -24.56 1.23 5.72
C GLY A 58 -23.34 2.12 5.63
N PHE A 59 -22.18 1.49 5.60
CA PHE A 59 -20.91 2.19 5.52
C PHE A 59 -20.50 2.44 4.08
N PRO A 60 -19.99 3.64 3.79
CA PRO A 60 -19.54 3.99 2.44
C PRO A 60 -18.28 3.15 2.20
N ARG A 61 -17.76 3.16 0.99
CA ARG A 61 -16.56 2.36 0.73
C ARG A 61 -15.42 3.16 0.11
N LEU A 62 -14.22 2.99 0.68
CA LEU A 62 -13.01 3.64 0.17
C LEU A 62 -12.18 2.50 -0.39
N ILE A 63 -12.24 2.36 -1.71
CA ILE A 63 -11.53 1.31 -2.41
C ILE A 63 -10.27 1.85 -3.04
N ARG A 64 -9.13 1.36 -2.57
CA ARG A 64 -7.82 1.76 -3.08
C ARG A 64 -7.53 0.98 -4.35
N LEU A 65 -7.02 1.67 -5.36
CA LEU A 65 -6.73 1.01 -6.61
C LEU A 65 -5.24 0.99 -6.91
N ASN A 66 -4.90 0.46 -8.07
CA ASN A 66 -3.52 0.34 -8.52
C ASN A 66 -2.63 1.49 -8.02
N PRO A 67 -1.81 1.22 -7.00
CA PRO A 67 -0.91 2.20 -6.41
C PRO A 67 0.28 2.62 -7.26
N THR A 68 0.17 2.46 -8.57
CA THR A 68 1.27 2.84 -9.44
C THR A 68 0.78 3.79 -10.52
N ILE A 69 -0.52 4.08 -10.50
CA ILE A 69 -1.09 4.98 -11.49
C ILE A 69 -0.45 6.37 -11.33
N PRO A 70 0.00 6.96 -12.44
CA PRO A 70 0.63 8.28 -12.48
C PRO A 70 -0.32 9.44 -12.22
N TYR A 71 -1.59 9.21 -12.55
CA TYR A 71 -2.63 10.21 -12.41
C TYR A 71 -3.09 10.39 -10.95
N LYS A 72 -2.79 9.39 -10.12
CA LYS A 72 -3.16 9.46 -8.71
C LYS A 72 -2.77 10.83 -8.19
N THR A 73 -3.61 11.39 -7.31
CA THR A 73 -3.30 12.70 -6.73
C THR A 73 -2.48 12.49 -5.46
N ARG A 74 -2.54 11.29 -4.89
CA ARG A 74 -1.73 10.98 -3.72
C ARG A 74 -1.86 9.57 -3.16
N GLY A 75 -2.89 8.83 -3.57
CA GLY A 75 -3.07 7.48 -3.08
C GLY A 75 -3.94 6.63 -3.98
N ASN A 76 -4.61 7.26 -4.93
CA ASN A 76 -5.50 6.56 -5.85
C ASN A 76 -6.53 5.80 -5.04
N GLY A 77 -7.38 6.58 -4.38
CA GLY A 77 -8.48 6.04 -3.60
C GLY A 77 -9.76 6.51 -4.30
N ALA A 78 -10.75 5.64 -4.36
CA ALA A 78 -12.01 5.99 -5.00
C ALA A 78 -13.09 5.76 -3.97
N VAL A 79 -14.25 6.41 -4.15
CA VAL A 79 -15.34 6.27 -3.19
C VAL A 79 -16.70 5.82 -3.75
N SER A 80 -17.40 4.99 -2.99
CA SER A 80 -18.72 4.54 -3.41
C SER A 80 -19.61 4.33 -2.20
N PHE A 81 -20.91 4.46 -2.40
CA PHE A 81 -21.86 4.24 -1.31
C PHE A 81 -23.27 3.88 -1.79
N LEU A 82 -23.90 2.93 -1.11
CA LEU A 82 -25.23 2.49 -1.47
C LEU A 82 -26.22 3.55 -0.98
N VAL A 83 -27.27 3.74 -1.77
CA VAL A 83 -28.31 4.73 -1.47
C VAL A 83 -29.67 4.14 -1.83
N GLU A 84 -30.74 4.71 -1.29
CA GLU A 84 -32.09 4.24 -1.59
C GLU A 84 -32.93 5.49 -1.81
N VAL A 85 -32.95 5.97 -3.05
CA VAL A 85 -33.69 7.16 -3.39
C VAL A 85 -34.94 6.86 -4.19
N ASP A 86 -35.84 7.83 -4.25
CA ASP A 86 -37.09 7.66 -4.95
C ASP A 86 -36.89 7.83 -6.45
N ASP A 87 -36.13 8.84 -6.82
CA ASP A 87 -35.87 9.13 -8.23
C ASP A 87 -34.41 9.40 -8.55
N VAL A 88 -33.80 8.44 -9.25
CA VAL A 88 -32.39 8.49 -9.65
C VAL A 88 -32.01 9.75 -10.41
N GLY A 89 -32.99 10.39 -11.04
CA GLY A 89 -32.71 11.59 -11.77
C GLY A 89 -32.25 12.69 -10.84
N GLU A 90 -33.03 12.96 -9.80
CA GLU A 90 -32.69 14.01 -8.83
C GLU A 90 -31.34 13.70 -8.20
N LEU A 91 -31.17 12.44 -7.79
CA LEU A 91 -29.94 11.95 -7.18
C LEU A 91 -28.74 12.43 -8.00
N VAL A 92 -28.75 12.13 -9.30
CA VAL A 92 -27.67 12.53 -10.19
C VAL A 92 -27.42 14.04 -10.17
N ASP A 93 -28.50 14.82 -10.23
CA ASP A 93 -28.36 16.27 -10.22
C ASP A 93 -27.72 16.68 -8.90
N VAL A 94 -28.27 16.17 -7.81
CA VAL A 94 -27.76 16.46 -6.47
C VAL A 94 -26.26 16.18 -6.34
N VAL A 95 -25.83 15.04 -6.86
CA VAL A 95 -24.41 14.72 -6.77
C VAL A 95 -23.61 15.54 -7.76
N ASN A 96 -24.16 15.78 -8.93
CA ASN A 96 -23.44 16.59 -9.90
C ASN A 96 -23.20 17.94 -9.25
N GLU A 97 -24.21 18.43 -8.56
CA GLU A 97 -24.07 19.72 -7.91
C GLU A 97 -22.89 19.75 -6.95
N VAL A 98 -22.92 18.89 -5.93
CA VAL A 98 -21.85 18.84 -4.93
C VAL A 98 -20.47 18.83 -5.57
N ILE A 99 -20.38 18.32 -6.80
CA ILE A 99 -19.10 18.29 -7.49
C ILE A 99 -18.84 19.65 -8.12
N ILE A 100 -19.87 20.22 -8.74
CA ILE A 100 -19.71 21.53 -9.36
C ILE A 100 -19.39 22.58 -8.30
N GLU A 101 -19.45 22.21 -7.03
CA GLU A 101 -19.16 23.17 -5.98
C GLU A 101 -17.94 22.87 -5.12
N HIS A 102 -17.71 21.60 -4.80
CA HIS A 102 -16.60 21.24 -3.93
C HIS A 102 -15.47 20.50 -4.64
N ALA A 103 -15.52 20.44 -5.97
CA ALA A 103 -14.48 19.75 -6.73
C ALA A 103 -13.50 20.72 -7.39
N LEU A 105 -12.23 21.48 -9.95
CA LEU A 105 -12.25 21.44 -11.40
C LEU A 105 -11.28 22.44 -12.01
N ASP A 106 -10.68 23.27 -11.16
CA ASP A 106 -9.72 24.27 -11.63
C ASP A 106 -8.45 23.57 -12.12
N ASP A 107 -7.85 22.79 -11.24
CA ASP A 107 -6.63 22.05 -11.57
C ASP A 107 -6.85 21.20 -12.83
N GLU A 108 -5.76 20.71 -13.41
CA GLU A 108 -5.82 19.89 -14.62
C GLU A 108 -5.52 18.44 -14.26
N LYS A 109 -5.10 18.23 -13.02
CA LYS A 109 -4.80 16.90 -12.52
C LYS A 109 -6.08 16.34 -11.88
N THR A 110 -7.19 17.03 -12.11
CA THR A 110 -8.48 16.65 -11.55
C THR A 110 -9.59 16.58 -12.58
N ASN A 111 -9.88 15.35 -13.00
CA ASN A 111 -10.95 15.08 -13.96
C ASN A 111 -11.88 14.07 -13.29
N PRO A 112 -12.96 14.59 -12.68
CA PRO A 112 -13.98 13.83 -11.95
C PRO A 112 -14.97 13.04 -12.79
N GLY A 113 -15.61 12.09 -12.13
CA GLY A 113 -16.61 11.24 -12.77
C GLY A 113 -17.46 10.60 -11.69
N ALA A 114 -18.74 10.40 -11.97
CA ALA A 114 -19.64 9.79 -10.99
C ALA A 114 -20.47 8.72 -11.63
N VAL A 115 -20.75 7.68 -10.87
CA VAL A 115 -21.55 6.58 -11.39
C VAL A 115 -22.69 6.23 -10.43
N PHE A 116 -23.84 5.87 -11.03
CA PHE A 116 -25.01 5.49 -10.26
C PHE A 116 -25.49 4.16 -10.82
N VAL A 117 -24.95 3.08 -10.29
CA VAL A 117 -25.32 1.75 -10.76
C VAL A 117 -26.36 1.10 -9.87
N ASP A 118 -27.29 0.36 -10.48
CA ASP A 118 -28.33 -0.32 -9.73
C ASP A 118 -27.72 -1.51 -9.02
N GLU A 119 -27.93 -1.56 -7.72
CA GLU A 119 -27.43 -2.62 -6.85
C GLU A 119 -27.32 -3.98 -7.54
N GLU A 120 -28.41 -4.43 -8.14
CA GLU A 120 -28.46 -5.72 -8.82
C GLU A 120 -27.32 -5.86 -9.82
N LEU A 121 -26.92 -4.72 -10.37
CA LEU A 121 -25.88 -4.67 -11.38
C LEU A 121 -24.45 -4.53 -10.88
N ALA A 122 -24.28 -4.22 -9.61
CA ALA A 122 -22.95 -3.98 -9.06
C ALA A 122 -22.01 -5.15 -9.29
N VAL A 123 -22.44 -6.31 -8.84
CA VAL A 123 -21.65 -7.54 -8.98
C VAL A 123 -20.98 -7.64 -10.35
N LYS A 124 -21.73 -7.40 -11.42
CA LYS A 124 -21.22 -7.48 -12.79
C LYS A 124 -19.99 -6.61 -13.05
N LEU A 125 -19.61 -5.78 -12.08
CA LEU A 125 -18.45 -4.92 -12.24
C LEU A 125 -17.18 -5.39 -11.53
N LYS A 126 -17.24 -6.54 -10.86
CA LYS A 126 -16.08 -7.07 -10.15
C LYS A 126 -14.86 -7.26 -11.06
N PRO A 127 -15.09 -7.74 -12.28
CA PRO A 127 -13.93 -7.91 -13.16
C PRO A 127 -13.23 -6.56 -13.44
N PHE A 128 -14.04 -5.53 -13.67
CA PHE A 128 -13.54 -4.19 -13.99
C PHE A 128 -12.74 -3.58 -12.87
N ALA A 129 -13.37 -3.53 -11.69
CA ALA A 129 -12.73 -2.98 -10.50
C ALA A 129 -11.45 -3.71 -10.22
N ASP A 130 -11.49 -5.02 -10.42
CA ASP A 130 -10.35 -5.88 -10.19
C ASP A 130 -9.21 -5.47 -11.11
N LYS A 131 -9.57 -5.19 -12.36
CA LYS A 131 -8.57 -4.81 -13.35
C LYS A 131 -8.03 -3.41 -13.10
N ALA A 132 -8.78 -2.59 -12.37
CA ALA A 132 -8.36 -1.23 -12.05
C ALA A 132 -7.47 -1.24 -10.82
N ILE A 133 -7.56 -2.32 -10.05
CA ILE A 133 -6.77 -2.44 -8.84
C ILE A 133 -5.39 -3.09 -9.05
N LYS A 134 -5.35 -4.10 -9.91
CA LYS A 134 -4.14 -4.86 -10.22
C LYS A 134 -3.42 -4.48 -11.51
N ASP A 135 -4.16 -3.95 -12.47
CA ASP A 135 -3.59 -3.62 -13.77
C ASP A 135 -3.87 -2.17 -14.20
N VAL A 136 -3.67 -1.87 -15.48
CA VAL A 136 -3.87 -0.53 -16.02
C VAL A 136 -5.02 -0.47 -17.04
N LEU A 137 -5.94 0.48 -16.83
CA LEU A 137 -7.12 0.65 -17.69
C LEU A 137 -7.16 1.97 -18.45
N GLN A 138 -8.17 2.12 -19.29
CA GLN A 138 -8.33 3.34 -20.06
C GLN A 138 -9.75 3.87 -20.13
N ILE A 139 -9.85 5.18 -20.08
CA ILE A 139 -11.13 5.84 -20.09
C ILE A 139 -12.19 5.18 -20.99
N ASP A 140 -11.76 4.67 -22.14
CA ASP A 140 -12.70 4.01 -23.05
C ASP A 140 -13.29 2.76 -22.43
N GLU A 141 -12.46 2.02 -21.71
CA GLU A 141 -12.89 0.78 -21.08
C GLU A 141 -13.98 1.01 -20.06
N ALA A 142 -13.93 2.18 -19.43
CA ALA A 142 -14.93 2.55 -18.42
C ALA A 142 -16.21 2.94 -19.14
N LEU A 143 -16.06 3.67 -20.23
CA LEU A 143 -17.21 4.12 -20.99
C LEU A 143 -17.92 2.96 -21.66
N PHE A 144 -17.18 1.88 -21.88
CA PHE A 144 -17.74 0.70 -22.49
C PHE A 144 -18.68 0.00 -21.50
N VAL A 145 -18.23 -0.11 -20.24
CA VAL A 145 -19.03 -0.72 -19.20
C VAL A 145 -20.32 0.07 -19.09
N ILE A 146 -20.16 1.37 -18.91
CA ILE A 146 -21.29 2.28 -18.83
C ILE A 146 -22.23 1.99 -19.99
N GLY A 147 -21.67 1.87 -21.19
CA GLY A 147 -22.46 1.61 -22.37
C GLY A 147 -23.17 0.28 -22.45
N LYS A 148 -22.75 -0.69 -21.65
CA LYS A 148 -23.39 -2.00 -21.69
C LYS A 148 -24.62 -2.09 -20.81
N TYR A 149 -24.71 -1.22 -19.82
CA TYR A 149 -25.86 -1.23 -18.91
C TYR A 149 -26.43 0.17 -18.78
N PHE A 150 -26.11 1.03 -19.75
CA PHE A 150 -26.57 2.41 -19.76
C PHE A 150 -26.60 2.95 -18.32
N ILE A 151 -25.47 2.86 -17.66
CA ILE A 151 -25.36 3.33 -16.30
C ILE A 151 -25.31 4.86 -16.23
N PRO A 152 -26.29 5.50 -15.57
CA PRO A 152 -26.32 6.95 -15.45
C PRO A 152 -24.96 7.38 -14.90
N HIS A 153 -24.37 8.38 -15.52
CA HIS A 153 -23.04 8.79 -15.10
C HIS A 153 -22.83 10.28 -15.24
N LEU A 154 -21.70 10.75 -14.71
CA LEU A 154 -21.33 12.16 -14.77
C LEU A 154 -19.87 12.21 -15.20
N ARG A 155 -19.64 12.68 -16.42
CA ARG A 155 -18.29 12.78 -16.99
C ARG A 155 -17.79 14.21 -17.08
N HIS A 156 -16.93 14.61 -16.15
CA HIS A 156 -16.39 15.96 -16.19
C HIS A 156 -15.07 16.04 -16.94
N LYS A 157 -14.98 17.02 -17.86
CA LYS A 157 -13.78 17.21 -18.66
C LYS A 157 -13.40 15.86 -19.25
N LYS A 158 -12.18 15.40 -18.98
CA LYS A 158 -11.76 14.11 -19.50
C LYS A 158 -12.67 13.01 -18.94
N GLY A 159 -12.82 13.02 -17.61
CA GLY A 159 -13.66 12.05 -16.93
C GLY A 159 -12.92 10.81 -16.46
N ARG A 160 -11.61 10.95 -16.30
CA ARG A 160 -10.74 9.86 -15.86
C ARG A 160 -11.27 9.28 -14.56
N GLY A 161 -12.18 10.01 -13.93
CA GLY A 161 -12.77 9.55 -12.69
C GLY A 161 -13.67 8.35 -12.90
N LEU A 162 -14.35 8.29 -14.04
CA LEU A 162 -15.23 7.16 -14.33
C LEU A 162 -14.55 5.82 -14.08
N ILE A 163 -13.23 5.80 -14.18
CA ILE A 163 -12.51 4.58 -13.93
C ILE A 163 -12.73 4.25 -12.45
N GLY A 164 -12.05 4.98 -11.58
CA GLY A 164 -12.20 4.75 -10.16
C GLY A 164 -13.64 4.62 -9.68
N ALA A 165 -14.55 5.38 -10.28
CA ALA A 165 -15.96 5.35 -9.89
C ALA A 165 -16.56 3.97 -10.04
N LEU A 166 -16.43 3.39 -11.23
CA LEU A 166 -16.96 2.06 -11.48
C LEU A 166 -16.28 1.07 -10.55
N ALA A 167 -14.95 1.09 -10.55
CA ALA A 167 -14.19 0.19 -9.70
C ALA A 167 -14.75 0.21 -8.29
N ALA A 168 -14.77 1.39 -7.69
CA ALA A 168 -15.25 1.59 -6.32
C ALA A 168 -16.55 0.85 -6.04
N VAL A 169 -17.43 0.80 -7.04
CA VAL A 169 -18.68 0.10 -6.88
C VAL A 169 -18.51 -1.41 -7.10
N GLY A 170 -17.74 -1.78 -8.11
CA GLY A 170 -17.54 -3.19 -8.40
C GLY A 170 -16.56 -3.95 -7.53
N ALA A 171 -15.65 -3.24 -6.88
CA ALA A 171 -14.64 -3.86 -6.04
C ALA A 171 -15.20 -4.83 -5.00
N GLU A 172 -14.73 -6.08 -5.07
CA GLU A 172 -15.15 -7.16 -4.17
C GLU A 172 -14.27 -7.26 -2.94
N LEU A 173 -14.88 -7.15 -1.77
CA LEU A 173 -14.13 -7.22 -0.54
C LEU A 173 -14.30 -8.52 0.23
N GLU A 174 -13.48 -9.53 -0.10
CA GLU A 174 -13.51 -10.83 0.57
C GLU A 174 -12.80 -10.68 1.91
N ASP A 175 -11.98 -9.65 1.99
CA ASP A 175 -11.22 -9.32 3.18
C ASP A 175 -11.33 -7.80 3.18
N PHE A 176 -11.16 -7.18 4.35
CA PHE A 176 -11.28 -5.72 4.42
C PHE A 176 -10.98 -5.24 5.82
N THR A 177 -10.69 -3.96 5.92
CA THR A 177 -10.44 -3.37 7.22
C THR A 177 -11.34 -2.16 7.28
N LEU A 178 -11.46 -1.57 8.46
CA LEU A 178 -12.30 -0.39 8.64
C LEU A 178 -11.41 0.81 8.89
N GLU A 179 -11.95 2.00 8.66
CA GLU A 179 -11.18 3.20 8.91
C GLU A 179 -12.06 4.38 9.28
N LEU A 180 -11.92 4.79 10.52
CA LEU A 180 -12.66 5.93 11.06
C LEU A 180 -11.94 7.19 10.60
N ILE A 181 -12.60 8.00 9.80
CA ILE A 181 -11.99 9.23 9.33
C ILE A 181 -12.74 10.42 9.90
N ALA A 182 -12.01 11.26 10.64
CA ALA A 182 -12.59 12.44 11.25
C ALA A 182 -12.10 13.65 10.49
N TYR A 183 -13.01 14.59 10.24
CA TYR A 183 -12.68 15.81 9.51
C TYR A 183 -12.68 17.01 10.46
N ARG A 184 -12.03 18.10 10.05
CA ARG A 184 -11.94 19.30 10.88
C ARG A 184 -13.08 20.25 10.58
N TYR A 185 -13.09 21.41 11.24
CA TYR A 185 -14.11 22.40 10.97
C TYR A 185 -13.55 23.23 9.82
N PRO A 186 -14.42 23.76 8.96
CA PRO A 186 -14.00 24.56 7.80
C PRO A 186 -13.01 25.69 8.09
N GLU A 187 -13.24 26.43 9.18
CA GLU A 187 -12.38 27.54 9.53
C GLU A 187 -10.98 27.06 9.92
N ARG A 188 -10.89 25.83 10.40
CA ARG A 188 -9.62 25.24 10.81
C ARG A 188 -8.81 24.67 9.64
N PHE A 189 -9.30 24.88 8.43
CA PHE A 189 -8.61 24.38 7.24
C PHE A 189 -7.38 25.22 6.98
N GLY A 190 -6.53 24.76 6.06
CA GLY A 190 -5.31 25.49 5.76
C GLY A 190 -4.36 25.47 6.95
N THR A 191 -4.82 25.97 8.09
CA THR A 191 -4.01 26.00 9.30
C THR A 191 -3.56 24.59 9.62
N GLU A 192 -2.50 24.49 10.42
CA GLU A 192 -1.98 23.20 10.80
C GLU A 192 -2.80 22.61 11.93
N ARG A 193 -2.99 21.30 11.87
CA ARG A 193 -3.76 20.57 12.87
C ARG A 193 -3.08 20.61 14.22
N GLU A 194 -3.90 20.68 15.26
CA GLU A 194 -3.43 20.70 16.63
C GLU A 194 -3.96 19.43 17.29
N TYR A 195 -3.10 18.71 18.00
CA TYR A 195 -3.52 17.47 18.64
C TYR A 195 -2.46 17.01 19.63
N ASP A 196 -2.87 16.16 20.57
CA ASP A 196 -1.97 15.64 21.59
C ASP A 196 -1.42 14.27 21.19
N GLU A 197 -0.29 14.27 20.51
CA GLU A 197 0.37 13.05 20.07
C GLU A 197 0.25 11.89 21.03
N GLU A 198 0.94 12.02 22.16
CA GLU A 198 1.00 10.99 23.18
C GLU A 198 -0.28 10.19 23.40
N SER A 199 -1.42 10.79 23.09
CA SER A 199 -2.72 10.13 23.26
C SER A 199 -2.90 8.97 22.30
N PHE A 200 -2.30 9.10 21.11
CA PHE A 200 -2.36 8.07 20.08
C PHE A 200 -1.58 6.82 20.46
N PHE A 201 -0.46 7.01 21.15
CA PHE A 201 0.32 5.85 21.57
C PHE A 201 -0.41 5.12 22.70
N ASP A 202 -1.10 5.87 23.55
CA ASP A 202 -1.86 5.26 24.63
C ASP A 202 -2.90 4.43 23.91
N ASP A 204 -2.69 3.27 20.70
CA ASP A 204 -2.10 2.11 20.04
C ASP A 204 -1.71 1.10 21.08
N TYR A 205 -1.06 1.57 22.14
CA TYR A 205 -0.61 0.70 23.22
C TYR A 205 -1.76 -0.02 23.91
N GLU A 206 -2.99 0.42 23.66
CA GLU A 206 -4.11 -0.22 24.33
C GLU A 206 -5.02 -1.04 23.42
N LEU A 207 -5.07 -0.70 22.13
CA LEU A 207 -5.93 -1.41 21.19
C LEU A 207 -5.19 -2.29 20.18
N TYR A 208 -3.92 -1.98 19.90
CA TYR A 208 -3.14 -2.77 18.96
C TYR A 208 -3.23 -4.24 19.39
N PRO A 209 -3.35 -5.18 18.42
CA PRO A 209 -3.44 -4.97 16.97
C PRO A 209 -4.76 -4.40 16.45
N GLN A 210 -5.86 -4.73 17.14
CA GLN A 210 -7.21 -4.28 16.79
C GLN A 210 -7.20 -3.06 15.88
N THR A 211 -6.60 -1.98 16.35
CA THR A 211 -6.45 -0.80 15.52
C THR A 211 -4.98 -0.98 15.17
N PHE A 212 -4.61 -0.78 13.91
CA PHE A 212 -3.21 -0.98 13.54
C PHE A 212 -2.67 0.12 12.65
N ASP A 213 -1.39 0.05 12.34
CA ASP A 213 -0.73 1.03 11.48
C ASP A 213 -1.12 2.47 11.74
N ASN A 214 -1.28 2.82 13.00
CA ASN A 214 -1.65 4.19 13.36
C ASN A 214 -0.44 4.94 13.86
N VAL A 215 0.55 4.19 14.33
CA VAL A 215 1.79 4.79 14.82
C VAL A 215 3.04 3.95 14.60
N ASP A 216 4.16 4.63 14.40
CA ASP A 216 5.44 3.96 14.21
C ASP A 216 6.33 4.23 15.43
N TRP A 217 6.35 3.29 16.38
CA TRP A 217 7.18 3.47 17.57
C TRP A 217 8.67 3.59 17.20
N CYS A 218 9.30 2.48 16.85
CA CYS A 218 10.73 2.45 16.49
C CYS A 218 11.11 3.38 15.35
N ASN A 219 10.40 4.49 15.20
CA ASN A 219 10.68 5.49 14.16
C ASN A 219 9.89 6.71 14.54
N ASP A 220 9.25 6.61 15.71
CA ASP A 220 8.43 7.68 16.27
C ASP A 220 7.66 8.46 15.22
N VAL A 221 6.37 8.16 15.09
CA VAL A 221 5.53 8.85 14.12
C VAL A 221 4.06 8.50 14.29
N VAL A 222 3.20 9.43 13.90
CA VAL A 222 1.76 9.24 13.95
C VAL A 222 1.34 9.33 12.48
N VAL A 223 1.16 8.17 11.88
CA VAL A 223 0.81 8.06 10.46
C VAL A 223 -0.59 8.47 10.08
N CYS A 224 -1.54 8.14 10.94
CA CYS A 224 -2.94 8.42 10.68
C CYS A 224 -3.35 9.88 10.63
N ILE A 225 -2.44 10.76 11.00
CA ILE A 225 -2.73 12.19 11.01
C ILE A 225 -2.01 12.86 9.85
N PRO A 226 -2.71 13.12 8.74
CA PRO A 226 -2.07 13.77 7.59
C PRO A 226 -1.46 15.14 7.85
N ASN A 227 -0.83 15.68 6.81
CA ASN A 227 -0.19 16.98 6.85
C ASN A 227 -0.48 17.59 5.49
N THR A 228 -1.74 17.51 5.08
CA THR A 228 -2.16 18.02 3.79
C THR A 228 -3.30 19.04 3.91
N PRO A 229 -3.59 19.73 2.81
CA PRO A 229 -4.67 20.72 2.81
C PRO A 229 -6.03 20.07 3.07
N CYS A 230 -6.11 18.76 2.92
CA CYS A 230 -7.37 18.03 3.10
C CYS A 230 -8.03 18.08 4.48
N PRO A 231 -9.36 18.29 4.48
CA PRO A 231 -10.23 18.39 5.65
C PRO A 231 -9.90 17.35 6.70
N VAL A 232 -9.39 16.21 6.22
CA VAL A 232 -9.04 15.12 7.10
C VAL A 232 -8.25 15.59 8.31
N LEU A 233 -8.66 15.16 9.50
CA LEU A 233 -7.96 15.53 10.72
C LEU A 233 -7.04 14.36 10.95
N TYR A 234 -7.65 13.22 11.27
CA TYR A 234 -6.93 11.97 11.49
C TYR A 234 -7.70 10.81 10.84
N GLY A 235 -7.06 9.66 10.72
CA GLY A 235 -7.71 8.50 10.12
C GLY A 235 -7.20 7.21 10.73
N ILE A 236 -7.97 6.63 11.64
CA ILE A 236 -7.60 5.40 12.35
C ILE A 236 -8.09 4.11 11.71
N ARG A 237 -7.16 3.19 11.45
CA ARG A 237 -7.47 1.88 10.86
C ARG A 237 -7.64 0.84 11.92
N GLY A 238 -8.63 -0.04 11.73
CA GLY A 238 -8.88 -1.08 12.69
C GLY A 238 -9.56 -2.27 12.06
N GLU A 239 -9.82 -3.28 12.89
CA GLU A 239 -10.48 -4.51 12.46
C GLU A 239 -11.90 -4.64 13.02
N SER A 240 -12.42 -3.58 13.64
CA SER A 240 -13.75 -3.58 14.23
C SER A 240 -14.25 -2.19 14.57
N VAL A 241 -15.57 -2.03 14.69
CA VAL A 241 -16.14 -0.73 15.01
C VAL A 241 -15.85 -0.50 16.48
N GLU A 242 -15.87 -1.60 17.24
CA GLU A 242 -15.59 -1.60 18.67
C GLU A 242 -14.25 -0.90 18.93
N ALA A 243 -13.20 -1.36 18.25
CA ALA A 243 -11.86 -0.81 18.36
C ALA A 243 -11.86 0.65 17.94
N LEU A 244 -12.32 0.88 16.72
CA LEU A 244 -12.39 2.23 16.18
C LEU A 244 -13.20 3.13 17.11
N TYR A 245 -14.17 2.54 17.80
CA TYR A 245 -14.99 3.31 18.72
C TYR A 245 -14.18 3.63 19.98
N LYS A 246 -13.67 2.59 20.63
CA LYS A 246 -12.87 2.80 21.83
C LYS A 246 -11.77 3.81 21.51
N ALA A 247 -11.10 3.59 20.37
CA ALA A 247 -10.04 4.47 19.94
C ALA A 247 -10.53 5.91 19.76
N GLU A 249 -12.69 7.76 21.13
CA GLU A 249 -12.85 8.59 22.31
C GLU A 249 -11.57 8.62 23.11
N SER A 250 -10.77 7.56 23.00
CA SER A 250 -9.52 7.45 23.73
C SER A 250 -8.39 8.28 23.13
N VAL A 251 -8.71 9.41 22.53
CA VAL A 251 -7.70 10.24 21.92
C VAL A 251 -7.98 11.72 22.08
N LYS A 252 -6.93 12.54 22.15
CA LYS A 252 -7.11 13.98 22.33
C LYS A 252 -6.59 14.76 21.14
N THR A 253 -7.45 15.61 20.59
CA THR A 253 -7.11 16.42 19.41
C THR A 253 -8.10 17.59 19.28
N GLU A 254 -7.94 18.41 18.24
CA GLU A 254 -8.85 19.51 18.06
C GLU A 254 -10.26 18.96 17.91
N PRO A 255 -11.29 19.80 18.13
CA PRO A 255 -12.68 19.36 18.03
C PRO A 255 -12.99 18.71 16.67
N VAL A 256 -13.60 17.53 16.74
CA VAL A 256 -13.95 16.76 15.53
C VAL A 256 -15.24 17.21 14.89
N ASP A 257 -15.17 17.84 13.73
CA ASP A 257 -16.39 18.22 13.06
C ASP A 257 -16.93 16.89 12.51
N ARG A 258 -17.20 16.82 11.20
CA ARG A 258 -17.72 15.59 10.58
C ARG A 258 -16.84 14.35 10.82
N ARG A 259 -17.44 13.16 10.77
CA ARG A 259 -16.69 11.93 10.97
C ARG A 259 -17.43 10.74 10.35
N ILE A 261 -17.01 6.25 9.16
CA ILE A 261 -16.28 4.99 9.13
C ILE A 261 -16.46 4.40 7.74
N PHE A 262 -15.34 4.07 7.11
CA PHE A 262 -15.34 3.49 5.77
C PHE A 262 -14.87 2.03 5.78
N VAL A 263 -15.41 1.24 4.86
CA VAL A 263 -14.99 -0.13 4.71
C VAL A 263 -13.96 0.02 3.61
N THR A 264 -12.75 -0.45 3.85
CA THR A 264 -11.74 -0.31 2.82
C THR A 264 -10.99 -1.61 2.65
N ASN A 265 -10.33 -1.72 1.49
CA ASN A 265 -9.53 -2.89 1.16
C ASN A 265 -8.11 -2.65 1.67
N HIS A 266 -7.97 -1.61 2.49
CA HIS A 266 -6.70 -1.23 3.11
C HIS A 266 -6.05 -2.43 3.81
N ALA A 267 -4.79 -2.71 3.51
CA ALA A 267 -4.08 -3.81 4.16
C ALA A 267 -4.52 -5.19 3.72
N THR A 268 -4.86 -5.34 2.44
CA THR A 268 -5.34 -6.62 1.94
C THR A 268 -4.46 -7.28 0.89
N ASP A 269 -3.65 -6.47 0.20
CA ASP A 269 -2.75 -6.94 -0.86
C ASP A 269 -3.55 -7.30 -2.12
N HIS A 271 -3.74 -5.69 -4.65
CA HIS A 271 -2.99 -5.27 -5.85
C HIS A 271 -1.95 -6.28 -6.32
N LEU A 272 -1.47 -7.13 -5.41
CA LEU A 272 -0.47 -8.11 -5.76
C LEU A 272 -0.90 -9.21 -6.72
N ILE A 273 0.03 -9.59 -7.61
CA ILE A 273 -0.18 -10.63 -8.60
C ILE A 273 0.83 -11.76 -8.44
N GLY A 274 0.39 -12.94 -8.00
CA GLY A 274 1.31 -14.05 -7.84
C GLY A 274 2.03 -14.34 -9.15
N GLU A 275 3.30 -14.76 -9.09
CA GLU A 275 4.05 -15.05 -10.31
C GLU A 275 3.30 -16.15 -11.03
N GLU A 276 2.79 -17.06 -10.23
CA GLU A 276 2.00 -18.19 -10.68
C GLU A 276 1.02 -17.86 -11.79
N GLU A 277 0.43 -16.66 -11.74
CA GLU A 277 -0.58 -16.29 -12.72
C GLU A 277 -0.23 -15.43 -13.93
N VAL A 278 1.05 -15.31 -14.27
CA VAL A 278 1.45 -14.52 -15.43
C VAL A 278 2.79 -14.95 -16.00
N HIS A 279 3.04 -14.58 -17.25
CA HIS A 279 4.28 -14.94 -17.93
C HIS A 279 5.34 -13.86 -17.78
N ARG A 280 5.11 -12.69 -18.35
CA ARG A 280 6.08 -11.60 -18.23
C ARG A 280 5.76 -10.77 -16.98
N LEU A 281 6.57 -9.76 -16.72
CA LEU A 281 6.37 -8.87 -15.58
C LEU A 281 6.45 -7.49 -16.17
N GLU A 282 5.33 -6.77 -16.14
CA GLU A 282 5.29 -5.42 -16.69
C GLU A 282 5.48 -4.35 -15.61
N ASN A 283 5.84 -3.14 -16.03
CA ASN A 283 6.01 -2.04 -15.08
C ASN A 283 4.62 -1.54 -14.77
N TYR A 284 4.45 -0.98 -13.57
CA TYR A 284 3.18 -0.45 -13.08
C TYR A 284 2.23 -1.52 -12.60
N ARG A 285 2.79 -2.57 -12.02
CA ARG A 285 1.97 -3.65 -11.47
C ARG A 285 2.74 -4.23 -10.29
N SER A 286 2.05 -4.96 -9.42
CA SER A 286 2.68 -5.54 -8.25
C SER A 286 2.49 -7.05 -8.18
N TYR A 287 3.50 -7.75 -7.67
CA TYR A 287 3.45 -9.20 -7.55
C TYR A 287 4.19 -9.75 -6.35
N ARG A 288 4.15 -11.07 -6.26
CA ARG A 288 4.82 -11.87 -5.24
C ARG A 288 5.67 -12.84 -6.04
N LEU A 289 7.00 -12.77 -5.87
CA LEU A 289 7.93 -13.64 -6.58
C LEU A 289 8.90 -14.30 -5.64
N ARG A 290 9.44 -15.42 -6.10
CA ARG A 290 10.43 -16.18 -5.37
C ARG A 290 11.69 -16.07 -6.25
N GLY A 291 12.86 -16.16 -5.63
CA GLY A 291 14.10 -16.06 -6.40
C GLY A 291 15.31 -16.25 -5.53
N ARG A 292 16.48 -16.27 -6.16
CA ARG A 292 17.75 -16.44 -5.45
C ARG A 292 18.59 -15.22 -5.73
N VAL A 293 19.22 -14.69 -4.69
CA VAL A 293 20.08 -13.53 -4.85
C VAL A 293 21.18 -13.97 -5.78
N THR A 294 21.33 -13.27 -6.90
CA THR A 294 22.37 -13.60 -7.85
C THR A 294 23.47 -12.60 -7.56
N LEU A 295 23.05 -11.35 -7.41
CA LEU A 295 23.95 -10.25 -7.11
C LEU A 295 23.62 -9.77 -5.70
N GLU A 296 24.63 -9.66 -4.86
CA GLU A 296 24.42 -9.26 -3.46
C GLU A 296 23.94 -7.80 -3.24
N PRO A 297 23.31 -7.54 -2.07
CA PRO A 297 22.79 -6.21 -1.72
C PRO A 297 23.84 -5.14 -1.93
N TYR A 298 23.41 -3.88 -1.93
CA TYR A 298 24.33 -2.76 -2.11
C TYR A 298 23.65 -1.40 -2.04
N ASP A 299 24.32 -0.45 -1.37
CA ASP A 299 23.81 0.90 -1.20
C ASP A 299 24.21 1.84 -2.33
N ILE A 300 23.73 3.06 -2.21
CA ILE A 300 24.01 4.17 -3.12
C ILE A 300 23.64 5.39 -2.28
N GLU A 301 24.20 6.54 -2.63
CA GLU A 301 23.96 7.77 -1.88
C GLU A 301 22.52 7.99 -1.43
N GLY A 302 22.33 8.04 -0.11
CA GLY A 302 20.99 8.25 0.41
C GLY A 302 20.45 7.08 1.20
N GLY A 303 21.26 6.02 1.33
CA GLY A 303 20.85 4.84 2.07
C GLY A 303 19.96 3.94 1.25
N HIS A 304 20.03 4.07 -0.07
CA HIS A 304 19.24 3.25 -0.99
C HIS A 304 19.89 1.93 -1.35
N VAL A 305 19.31 0.84 -0.86
CA VAL A 305 19.80 -0.52 -1.08
C VAL A 305 19.15 -1.25 -2.27
N PHE A 306 19.96 -1.99 -3.01
CA PHE A 306 19.49 -2.74 -4.17
C PHE A 306 20.11 -4.13 -4.22
N PHE A 307 19.44 -5.06 -4.88
CA PHE A 307 19.97 -6.41 -5.05
C PHE A 307 19.28 -7.11 -6.22
N GLU A 308 19.66 -8.36 -6.48
CA GLU A 308 19.07 -9.08 -7.59
C GLU A 308 18.81 -10.53 -7.28
N ILE A 309 17.72 -11.03 -7.83
CA ILE A 309 17.33 -12.41 -7.64
C ILE A 309 17.16 -13.06 -9.01
N ASP A 310 17.34 -14.37 -9.04
CA ASP A 310 17.15 -15.14 -10.27
C ASP A 310 15.71 -15.62 -10.12
N THR A 311 14.92 -15.43 -11.18
CA THR A 311 13.51 -15.78 -11.12
C THR A 311 12.98 -16.57 -12.32
N LYS A 312 11.79 -17.12 -12.14
CA LYS A 312 11.10 -17.88 -13.18
C LYS A 312 11.00 -17.03 -14.45
N PHE A 313 11.40 -15.77 -14.35
CA PHE A 313 11.34 -14.84 -15.45
C PHE A 313 12.74 -14.53 -15.95
N GLY A 314 13.68 -14.51 -15.01
CA GLY A 314 15.06 -14.23 -15.37
C GLY A 314 15.75 -13.50 -14.24
N SER A 315 16.41 -12.39 -14.57
CA SER A 315 17.12 -11.59 -13.58
C SER A 315 16.26 -10.44 -13.11
N VAL A 316 15.79 -10.50 -11.86
CA VAL A 316 14.98 -9.42 -11.33
C VAL A 316 15.72 -8.66 -10.24
N LYS A 317 15.63 -7.34 -10.34
CA LYS A 317 16.26 -6.40 -9.42
C LYS A 317 15.25 -5.86 -8.41
N CYS A 318 15.67 -5.77 -7.15
CA CYS A 318 14.81 -5.30 -6.08
C CYS A 318 15.33 -4.04 -5.39
N ALA A 319 14.44 -3.06 -5.22
CA ALA A 319 14.80 -1.80 -4.55
C ALA A 319 14.36 -1.83 -3.10
N ALA A 320 15.18 -1.23 -2.23
CA ALA A 320 14.89 -1.16 -0.79
C ALA A 320 15.24 0.25 -0.34
N PHE A 321 14.57 1.22 -0.96
CA PHE A 321 14.76 2.65 -0.72
C PHE A 321 14.86 3.06 0.74
N GLU A 322 15.48 4.22 0.97
CA GLU A 322 15.70 4.74 2.33
C GLU A 322 14.49 4.85 3.27
N PRO A 323 13.35 5.39 2.77
CA PRO A 323 12.14 5.55 3.59
C PRO A 323 11.73 4.25 4.27
N THR A 324 12.40 3.19 3.87
CA THR A 324 12.12 1.86 4.39
C THR A 324 12.76 1.61 5.75
N LYS A 325 13.67 2.50 6.13
CA LYS A 325 14.38 2.42 7.41
C LYS A 325 14.97 1.05 7.74
N GLN A 326 14.60 0.57 8.92
CA GLN A 326 15.04 -0.70 9.49
C GLN A 326 14.96 -1.95 8.58
N PHE A 327 14.29 -1.81 7.45
CA PHE A 327 14.13 -2.90 6.48
C PHE A 327 15.52 -3.19 5.90
N ARG A 328 16.26 -2.11 5.61
CA ARG A 328 17.61 -2.24 5.05
C ARG A 328 18.53 -3.04 5.96
N ASN A 329 18.34 -2.89 7.26
CA ASN A 329 19.15 -3.61 8.24
C ASN A 329 19.02 -5.10 8.06
N VAL A 330 17.95 -5.53 7.41
CA VAL A 330 17.71 -6.94 7.16
C VAL A 330 18.14 -7.34 5.76
N ILE A 331 17.77 -6.52 4.78
CA ILE A 331 18.09 -6.78 3.38
C ILE A 331 19.57 -6.95 3.08
N ARG A 332 20.39 -6.10 3.68
CA ARG A 332 21.84 -6.13 3.49
C ARG A 332 22.41 -7.49 3.85
N LEU A 333 21.80 -8.12 4.85
CA LEU A 333 22.22 -9.42 5.32
C LEU A 333 22.03 -10.53 4.29
N LEU A 334 21.24 -10.24 3.25
CA LEU A 334 20.99 -11.20 2.18
C LEU A 334 22.28 -11.58 1.47
N ARG A 335 22.43 -12.85 1.16
CA ARG A 335 23.62 -13.33 0.48
C ARG A 335 23.27 -14.01 -0.83
N LYS A 336 24.26 -14.12 -1.70
CA LYS A 336 24.08 -14.75 -2.99
C LYS A 336 23.63 -16.21 -2.76
N GLY A 337 22.50 -16.57 -3.35
CA GLY A 337 22.03 -17.95 -3.22
C GLY A 337 20.90 -18.17 -2.24
N ASP A 338 20.45 -17.11 -1.58
CA ASP A 338 19.35 -17.22 -0.63
C ASP A 338 18.04 -17.35 -1.38
N VAL A 339 17.09 -18.04 -0.76
CA VAL A 339 15.78 -18.23 -1.36
C VAL A 339 14.85 -17.27 -0.66
N VAL A 340 14.15 -16.46 -1.45
CA VAL A 340 13.24 -15.49 -0.88
C VAL A 340 11.93 -15.34 -1.64
N GLU A 341 11.03 -14.54 -1.07
CA GLU A 341 9.73 -14.25 -1.66
C GLU A 341 9.62 -12.74 -1.53
N VAL A 342 9.57 -12.04 -2.67
CA VAL A 342 9.47 -10.59 -2.64
C VAL A 342 8.08 -10.04 -2.98
N TYR A 343 7.56 -9.17 -2.13
CA TYR A 343 6.26 -8.58 -2.40
C TYR A 343 6.50 -7.11 -2.72
N GLY A 344 5.91 -6.63 -3.80
CA GLY A 344 6.09 -5.24 -4.18
C GLY A 344 5.62 -4.91 -5.58
N SER A 345 5.68 -3.63 -5.95
CA SER A 345 5.25 -3.18 -7.26
C SER A 345 6.48 -3.01 -8.08
N LYS A 347 8.43 -0.85 -10.93
CA LYS A 347 8.54 0.41 -11.64
C LYS A 347 10.02 0.53 -11.99
N LYS A 348 10.30 1.07 -13.17
CA LYS A 348 11.68 1.21 -13.62
C LYS A 348 12.34 -0.17 -13.58
N ASP A 349 11.56 -1.18 -13.99
CA ASP A 349 12.02 -2.57 -14.06
C ASP A 349 12.40 -3.21 -12.73
N THR A 350 12.25 -2.49 -11.63
CA THR A 350 12.63 -3.04 -10.33
C THR A 350 11.41 -3.27 -9.45
N ILE A 351 11.54 -4.18 -8.49
CA ILE A 351 10.46 -4.48 -7.56
C ILE A 351 10.76 -3.79 -6.24
N ASN A 352 10.02 -2.72 -5.98
CA ASN A 352 10.20 -1.97 -4.76
C ASN A 352 9.54 -2.71 -3.60
N LEU A 353 10.37 -3.40 -2.85
CA LEU A 353 9.93 -4.21 -1.75
C LEU A 353 9.00 -3.52 -0.79
N GLU A 354 7.95 -4.23 -0.39
CA GLU A 354 6.98 -3.72 0.57
C GLU A 354 7.18 -4.65 1.76
N LYS A 355 7.53 -5.89 1.45
CA LYS A 355 7.81 -6.90 2.46
C LYS A 355 8.45 -8.08 1.73
N ILE A 356 9.22 -8.88 2.45
CA ILE A 356 9.89 -10.01 1.84
C ILE A 356 9.98 -11.18 2.79
N GLN A 357 9.96 -12.38 2.23
CA GLN A 357 10.08 -13.59 3.03
C GLN A 357 11.42 -14.24 2.77
N ILE A 358 12.09 -14.64 3.86
CA ILE A 358 13.39 -15.30 3.80
C ILE A 358 13.08 -16.79 3.92
N VAL A 359 13.03 -17.46 2.78
CA VAL A 359 12.69 -18.88 2.74
C VAL A 359 13.80 -19.83 3.16
N GLU A 360 14.98 -19.65 2.58
CA GLU A 360 16.12 -20.48 2.89
C GLU A 360 17.41 -19.69 2.82
N LEU A 361 18.28 -19.96 3.79
CA LEU A 361 19.57 -19.28 3.86
C LEU A 361 20.73 -20.13 3.36
N ALA A 362 21.54 -19.54 2.49
CA ALA A 362 22.70 -20.23 1.94
C ALA A 362 23.92 -20.03 2.85
N GLU A 363 24.55 -21.14 3.24
CA GLU A 363 25.72 -21.09 4.10
C GLU A 363 26.87 -20.47 3.32
N ILE A 364 27.78 -19.84 4.04
CA ILE A 364 28.88 -19.17 3.38
C ILE A 364 30.23 -19.37 4.08
N TRP A 365 31.13 -20.03 3.36
CA TRP A 365 32.46 -20.33 3.87
C TRP A 365 33.49 -19.29 3.45
N VAL A 366 34.70 -19.40 4.01
CA VAL A 366 35.77 -18.47 3.71
C VAL A 366 37.15 -19.15 3.63
N GLU A 367 37.94 -18.78 2.63
CA GLU A 367 39.29 -19.33 2.45
C GLU A 367 40.28 -18.48 3.25
N LYS A 368 41.15 -19.14 4.00
CA LYS A 368 42.14 -18.46 4.82
C LYS A 368 43.47 -19.23 4.85
N ASN A 369 44.57 -18.52 4.63
CA ASN A 369 45.90 -19.12 4.64
C ASN A 369 46.31 -19.56 6.05
N PRO A 370 46.79 -20.80 6.20
CA PRO A 370 47.25 -21.41 7.46
C PRO A 370 48.26 -20.57 8.27
N ILE A 371 48.84 -21.18 9.31
CA ILE A 371 49.80 -20.49 10.17
C ILE A 371 51.06 -21.32 10.51
N CYS A 372 51.34 -21.49 11.80
CA CYS A 372 52.49 -22.25 12.26
C CYS A 372 52.63 -22.13 13.78
N GLY A 376 55.28 -20.14 13.60
CA GLY A 376 54.74 -19.02 14.35
C GLY A 376 53.34 -18.59 13.97
N ARG A 377 53.24 -17.62 13.05
CA ARG A 377 51.95 -17.09 12.57
C ARG A 377 51.47 -17.65 11.23
N ARG A 378 50.66 -16.87 10.52
CA ARG A 378 50.08 -17.26 9.22
C ARG A 378 51.05 -17.57 8.08
N GLU A 380 51.88 -18.08 3.71
CA GLU A 380 51.69 -17.43 2.43
C GLU A 380 51.64 -18.46 1.32
N SER A 381 51.49 -17.97 0.09
CA SER A 381 51.44 -18.83 -1.09
C SER A 381 52.79 -19.01 -1.74
N ALA A 382 53.20 -20.25 -1.88
CA ALA A 382 54.47 -20.56 -2.53
C ALA A 382 54.12 -21.17 -3.87
N GLY A 383 54.12 -20.34 -4.91
CA GLY A 383 53.80 -20.82 -6.24
C GLY A 383 52.45 -21.46 -6.50
N ARG A 384 52.01 -21.32 -7.75
CA ARG A 384 50.74 -21.85 -8.24
C ARG A 384 50.73 -23.38 -8.31
N GLY A 385 50.57 -24.02 -7.16
CA GLY A 385 50.55 -25.47 -7.13
C GLY A 385 51.54 -26.00 -6.11
N GLN A 386 52.13 -25.09 -5.35
CA GLN A 386 53.11 -25.46 -4.34
C GLN A 386 52.69 -25.17 -2.90
N GLY A 387 51.41 -25.35 -2.60
CA GLY A 387 50.91 -25.14 -1.24
C GLY A 387 51.33 -23.86 -0.54
N PHE A 388 51.43 -23.91 0.79
CA PHE A 388 51.81 -22.75 1.58
C PHE A 388 52.94 -23.06 2.57
N ARG A 389 53.83 -22.10 2.77
CA ARG A 389 55.00 -22.24 3.66
C ARG A 389 55.07 -21.14 4.72
N CYS A 390 55.58 -21.47 5.91
CA CYS A 390 55.66 -20.50 7.02
C CYS A 390 56.76 -19.43 6.93
N LYS A 391 56.37 -18.18 7.21
CA LYS A 391 57.22 -17.00 7.21
C LYS A 391 58.31 -17.00 6.13
N CYS A 393 58.70 -19.21 10.33
CA CYS A 393 58.34 -20.42 11.05
C CYS A 393 58.71 -21.68 10.26
N ARG A 394 59.17 -21.47 9.03
CA ARG A 394 59.60 -22.54 8.11
C ARG A 394 58.89 -23.89 8.23
N THR A 395 57.68 -23.99 7.68
CA THR A 395 56.91 -25.23 7.70
C THR A 395 56.17 -25.43 6.36
N LYS A 396 55.33 -26.47 6.26
CA LYS A 396 54.62 -26.73 5.02
C LYS A 396 53.20 -27.31 5.16
N ALA A 397 52.24 -26.67 4.48
CA ALA A 397 50.83 -27.06 4.47
C ALA A 397 50.26 -26.95 3.05
N ASP A 398 49.31 -27.82 2.70
CA ASP A 398 48.74 -27.84 1.34
C ASP A 398 47.48 -27.03 1.03
N GLU A 399 46.42 -27.23 1.83
CA GLU A 399 45.14 -26.53 1.62
C GLU A 399 44.94 -25.27 2.47
N LYS A 400 43.88 -24.53 2.17
CA LYS A 400 43.54 -23.31 2.91
C LYS A 400 42.51 -23.57 4.00
N LEU A 401 42.41 -22.61 4.91
CA LEU A 401 41.48 -22.68 6.03
C LEU A 401 40.07 -22.31 5.65
N ARG A 402 39.25 -23.32 5.36
CA ARG A 402 37.86 -23.08 5.00
C ARG A 402 37.03 -23.09 6.30
N GLU A 403 36.14 -22.11 6.46
CA GLU A 403 35.32 -22.03 7.66
C GLU A 403 33.89 -21.60 7.34
N LYS A 404 32.93 -22.14 8.10
CA LYS A 404 31.52 -21.80 7.92
C LYS A 404 31.24 -20.55 8.75
N VAL A 405 30.79 -19.49 8.09
CA VAL A 405 30.49 -18.25 8.80
C VAL A 405 29.01 -18.15 9.12
N GLU A 406 28.68 -18.25 10.41
CA GLU A 406 27.29 -18.16 10.86
C GLU A 406 26.72 -16.80 10.52
N ARG A 407 25.50 -16.78 10.02
CA ARG A 407 24.85 -15.54 9.65
C ARG A 407 23.98 -15.01 10.78
N GLU A 408 23.53 -13.78 10.62
CA GLU A 408 22.66 -13.17 11.62
C GLU A 408 21.24 -13.25 11.05
N LEU A 409 21.14 -12.97 9.75
CA LEU A 409 19.86 -13.01 9.04
C LEU A 409 19.18 -14.32 9.36
N GLN A 410 17.85 -14.29 9.42
CA GLN A 410 17.08 -15.49 9.73
C GLN A 410 15.81 -15.60 8.92
N PRO A 411 15.43 -16.83 8.56
CA PRO A 411 14.21 -17.06 7.77
C PRO A 411 12.94 -16.60 8.47
N GLY A 412 12.00 -16.12 7.66
CA GLY A 412 10.73 -15.63 8.17
C GLY A 412 10.26 -14.53 7.26
N PHE A 413 9.27 -13.77 7.74
CA PHE A 413 8.73 -12.65 6.97
C PHE A 413 9.16 -11.33 7.60
N TYR A 414 9.60 -10.42 6.76
CA TYR A 414 10.03 -9.10 7.21
C TYR A 414 9.28 -8.07 6.36
N GLU A 415 8.77 -7.04 7.03
CA GLU A 415 8.02 -6.01 6.35
C GLU A 415 8.67 -4.66 6.60
N VAL A 416 8.22 -3.64 5.89
CA VAL A 416 8.75 -2.31 6.09
C VAL A 416 8.00 -1.84 7.34
N PRO A 417 8.48 -0.78 7.99
CA PRO A 417 7.87 -0.21 9.20
C PRO A 417 6.56 0.54 8.90
N PRO A 418 5.71 0.71 9.92
CA PRO A 418 4.41 1.40 9.84
C PRO A 418 4.42 2.71 9.08
N SER A 419 5.42 3.54 9.36
CA SER A 419 5.55 4.83 8.73
C SER A 419 5.89 4.72 7.24
N ALA A 420 6.21 3.51 6.80
CA ALA A 420 6.57 3.30 5.40
C ALA A 420 5.42 2.69 4.62
N ARG A 421 4.60 1.92 5.32
CA ARG A 421 3.45 1.24 4.73
C ARG A 421 2.67 2.03 3.69
N ARG A 422 2.21 1.29 2.69
CA ARG A 422 1.39 1.79 1.59
C ARG A 422 -0.03 1.30 1.96
N HIS A 423 -1.04 2.11 1.65
CA HIS A 423 -2.42 1.76 1.97
C HIS A 423 -2.81 0.33 1.68
N LEU A 424 -2.61 -0.10 0.44
CA LEU A 424 -2.95 -1.46 0.04
C LEU A 424 -2.09 -2.57 0.69
N SER A 425 -0.89 -2.21 1.11
CA SER A 425 0.03 -3.17 1.72
C SER A 425 -0.45 -3.80 3.02
N LYS A 426 -0.55 -5.13 2.98
CA LYS A 426 -0.99 -5.92 4.12
C LYS A 426 0.11 -6.08 5.12
N PRO A 427 -0.07 -5.51 6.33
CA PRO A 427 0.92 -5.59 7.40
C PRO A 427 1.01 -7.04 7.93
N LEU A 428 2.22 -7.48 8.24
CA LEU A 428 2.45 -8.84 8.73
C LEU A 428 1.64 -9.17 9.97
N ILE A 429 1.15 -8.15 10.66
CA ILE A 429 0.39 -8.41 11.87
C ILE A 429 -0.97 -9.03 11.57
N ARG A 430 -1.47 -8.82 10.35
CA ARG A 430 -2.75 -9.35 9.93
C ARG A 430 -2.61 -10.73 9.29
N ASN A 432 -1.53 -14.67 8.90
CA ASN A 432 -1.36 -15.84 9.75
C ASN A 432 -0.29 -16.76 9.17
N VAL A 433 0.96 -16.36 9.37
CA VAL A 433 2.12 -17.10 8.91
C VAL A 433 3.18 -17.03 9.99
N GLU A 434 3.89 -18.13 10.19
CA GLU A 434 4.93 -18.19 11.20
C GLU A 434 6.24 -17.63 10.67
N GLY A 435 6.94 -16.90 11.53
CA GLY A 435 8.20 -16.32 11.13
C GLY A 435 8.03 -14.84 10.97
N ARG A 436 7.06 -14.27 11.66
CA ARG A 436 6.82 -12.85 11.55
C ARG A 436 7.68 -12.02 12.48
N HIS A 437 8.41 -11.09 11.90
CA HIS A 437 9.22 -10.17 12.68
C HIS A 437 8.50 -8.85 12.46
N ILE A 438 7.61 -8.55 13.39
CA ILE A 438 6.80 -7.35 13.30
C ILE A 438 7.46 -6.08 13.82
N PHE A 439 7.43 -5.04 12.99
CA PHE A 439 7.97 -3.73 13.35
C PHE A 439 6.84 -2.88 13.86
N ARG A 440 6.82 -2.62 15.17
CA ARG A 440 5.77 -1.77 15.73
C ARG A 440 6.30 -0.33 15.76
#